data_2ATX
#
_entry.id   2ATX
#
_cell.length_a   43.690
_cell.length_b   82.200
_cell.length_c   114.310
_cell.angle_alpha   90.00
_cell.angle_beta   90.00
_cell.angle_gamma   90.00
#
_symmetry.space_group_name_H-M   'P 21 21 21'
#
loop_
_entity.id
_entity.type
_entity.pdbx_description
1 polymer 'small GTP binding protein TC10'
2 non-polymer 'MAGNESIUM ION'
3 non-polymer 'PHOSPHOAMINOPHOSPHONIC ACID-GUANYLATE ESTER'
4 water water
#
_entity_poly.entity_id   1
_entity_poly.type   'polypeptide(L)'
_entity_poly.pdbx_seq_one_letter_code
;GSPGAGRSSMAHGPGALMLKCVVVGDGAVGKTCLLMSYANDAFPEEYVPTVFDHYAVSVTVGGKQYLLGLYDTAGQEDYD
RLRPLSYPMTDVFLICFSVVNPASFQNVKEEWVPELKEYAPNVPFLLIGTQIDLRDDPKTLARLNDMKEKPICVEQGQKL
AKEIGACCYVECSALTQKGLKTVFDEAIIAILTP
;
_entity_poly.pdbx_strand_id   A,B
#
loop_
_chem_comp.id
_chem_comp.type
_chem_comp.name
_chem_comp.formula
GNP non-polymer 'PHOSPHOAMINOPHOSPHONIC ACID-GUANYLATE ESTER' 'C10 H17 N6 O13 P3'
MG non-polymer 'MAGNESIUM ION' 'Mg 2'
#
# COMPACT_ATOMS: atom_id res chain seq x y z
N SER A 9 9.55 -14.32 15.20
CA SER A 9 9.73 -14.08 13.73
C SER A 9 10.41 -15.26 12.93
N MET A 10 9.92 -16.50 13.00
CA MET A 10 10.42 -17.56 12.06
C MET A 10 9.78 -17.52 10.64
N ALA A 11 8.53 -17.08 10.56
CA ALA A 11 7.79 -17.01 9.28
C ALA A 11 8.14 -15.82 8.43
N HIS A 12 8.71 -14.77 9.02
CA HIS A 12 9.00 -13.51 8.32
C HIS A 12 10.06 -12.66 9.02
N GLY A 13 10.66 -11.77 8.24
CA GLY A 13 11.60 -10.80 8.72
C GLY A 13 11.03 -9.65 9.55
N PRO A 14 11.87 -8.62 9.77
CA PRO A 14 11.41 -7.41 10.49
C PRO A 14 10.12 -6.93 9.86
N GLY A 15 9.21 -6.43 10.67
CA GLY A 15 8.02 -5.75 10.16
C GLY A 15 7.64 -4.52 10.96
N ALA A 16 6.75 -3.70 10.43
CA ALA A 16 6.46 -2.37 10.97
C ALA A 16 5.19 -1.71 10.38
N LEU A 17 4.66 -0.71 11.07
CA LEU A 17 3.55 0.08 10.60
C LEU A 17 3.90 0.55 9.24
N MET A 18 2.97 0.46 8.32
CA MET A 18 3.17 0.95 6.97
C MET A 18 2.46 2.29 6.78
N LEU A 19 3.19 3.25 6.22
CA LEU A 19 2.63 4.55 5.85
C LEU A 19 2.64 4.67 4.33
N LYS A 20 1.79 5.54 3.78
CA LYS A 20 1.54 5.61 2.35
C LYS A 20 1.73 7.04 1.85
N CYS A 21 2.70 7.20 0.97
CA CYS A 21 3.05 8.47 0.29
C CYS A 21 2.78 8.32 -1.18
N VAL A 22 1.99 9.23 -1.75
CA VAL A 22 1.70 9.22 -3.18
C VAL A 22 2.24 10.50 -3.82
N VAL A 23 2.82 10.35 -5.03
CA VAL A 23 3.46 11.45 -5.79
C VAL A 23 2.60 11.84 -7.00
N VAL A 24 2.26 13.12 -7.13
CA VAL A 24 1.47 13.59 -8.26
C VAL A 24 2.15 14.77 -8.94
N GLY A 25 1.69 15.17 -10.12
CA GLY A 25 2.35 16.23 -10.86
C GLY A 25 2.48 15.97 -12.34
N ASP A 26 3.02 16.94 -13.06
CA ASP A 26 2.92 16.95 -14.52
C ASP A 26 3.74 15.88 -15.21
N GLY A 27 3.32 15.55 -16.44
CA GLY A 27 4.13 14.78 -17.34
C GLY A 27 5.51 15.40 -17.42
N ALA A 28 6.54 14.61 -17.10
CA ALA A 28 7.95 14.93 -17.31
C ALA A 28 8.66 15.79 -16.25
N VAL A 29 8.07 15.92 -15.05
CA VAL A 29 8.68 16.68 -13.96
C VAL A 29 9.71 15.84 -13.19
N GLY A 30 9.68 14.53 -13.39
CA GLY A 30 10.64 13.65 -12.74
C GLY A 30 10.16 12.84 -11.53
N LYS A 31 8.83 12.69 -11.38
CA LYS A 31 8.22 11.90 -10.33
C LYS A 31 8.87 10.50 -10.26
N THR A 32 8.69 9.72 -11.29
CA THR A 32 9.26 8.37 -11.34
C THR A 32 10.75 8.32 -10.95
N CYS A 33 11.57 9.18 -11.59
CA CYS A 33 13.01 9.24 -11.34
C CYS A 33 13.29 9.71 -9.89
N LEU A 34 12.45 10.56 -9.34
CA LEU A 34 12.63 11.02 -7.97
C LEU A 34 12.50 9.78 -7.00
N LEU A 35 11.47 9.00 -7.24
CA LEU A 35 11.24 7.74 -6.55
C LEU A 35 12.30 6.64 -6.77
N MET A 36 12.79 6.47 -8.00
CA MET A 36 13.74 5.36 -8.24
C MET A 36 15.08 5.71 -7.63
N SER A 37 15.34 7.01 -7.64
CA SER A 37 16.58 7.57 -7.16
C SER A 37 16.65 7.53 -5.66
N TYR A 38 15.52 7.78 -5.03
CA TYR A 38 15.47 7.66 -3.58
C TYR A 38 15.61 6.20 -3.16
N ALA A 39 14.87 5.35 -3.85
CA ALA A 39 14.84 3.95 -3.50
C ALA A 39 16.17 3.24 -3.67
N ASN A 40 16.81 3.43 -4.82
CA ASN A 40 18.05 2.76 -5.18
C ASN A 40 19.33 3.58 -4.89
N ASP A 41 19.16 4.76 -4.27
CA ASP A 41 20.27 5.72 -4.07
C ASP A 41 21.18 5.85 -5.33
N ALA A 42 20.58 5.73 -6.50
CA ALA A 42 21.24 6.03 -7.78
C ALA A 42 20.20 6.47 -8.83
N PHE A 43 20.57 7.44 -9.67
CA PHE A 43 19.72 7.84 -10.78
C PHE A 43 19.58 6.63 -11.68
N PRO A 44 18.36 6.32 -12.12
CA PRO A 44 18.15 5.17 -13.01
C PRO A 44 18.86 5.43 -14.30
N GLU A 45 19.79 4.54 -14.61
CA GLU A 45 20.47 4.71 -15.86
C GLU A 45 19.79 3.83 -16.90
N GLU A 46 19.30 2.64 -16.52
CA GLU A 46 18.67 1.76 -17.52
C GLU A 46 17.25 2.26 -17.96
N TYR A 47 16.23 1.39 -18.01
CA TYR A 47 14.99 1.80 -18.67
C TYR A 47 13.99 2.30 -17.61
N VAL A 48 13.62 3.57 -17.75
CA VAL A 48 12.68 4.23 -16.84
C VAL A 48 11.22 4.11 -17.28
N PRO A 49 10.41 3.52 -16.42
CA PRO A 49 8.97 3.39 -16.68
C PRO A 49 8.15 4.66 -16.54
N THR A 50 6.96 4.65 -17.13
CA THR A 50 5.92 5.67 -16.87
C THR A 50 5.66 5.76 -15.40
N VAL A 51 5.48 4.59 -14.80
CA VAL A 51 5.09 4.48 -13.40
C VAL A 51 5.94 3.40 -12.69
N PHE A 52 6.48 3.72 -11.54
CA PHE A 52 7.39 2.84 -10.79
C PHE A 52 6.53 1.88 -9.99
N ASP A 53 6.93 0.62 -9.91
CA ASP A 53 6.17 -0.33 -9.11
C ASP A 53 6.04 0.15 -7.64
N HIS A 54 4.94 -0.20 -6.99
CA HIS A 54 4.79 0.09 -5.55
C HIS A 54 6.02 -0.44 -4.85
N TYR A 55 6.54 0.34 -3.91
CA TYR A 55 7.88 0.11 -3.36
C TYR A 55 7.84 0.77 -2.00
N ALA A 56 8.52 0.20 -1.00
CA ALA A 56 8.60 0.75 0.35
C ALA A 56 10.02 0.73 0.91
N VAL A 57 10.34 1.63 1.81
CA VAL A 57 11.66 1.61 2.48
C VAL A 57 11.52 1.79 4.00
N SER A 58 12.43 1.17 4.76
CA SER A 58 12.39 1.35 6.22
C SER A 58 12.98 2.68 6.60
N VAL A 59 12.38 3.34 7.56
CA VAL A 59 12.94 4.53 8.16
C VAL A 59 12.83 4.45 9.69
N THR A 60 13.70 5.20 10.39
CA THR A 60 13.62 5.23 11.88
C THR A 60 13.33 6.65 12.42
N VAL A 61 12.11 6.84 12.94
CA VAL A 61 11.52 8.16 13.13
C VAL A 61 12.02 8.68 14.46
N GLY A 62 11.32 8.34 15.54
CA GLY A 62 11.79 8.76 16.87
C GLY A 62 12.07 7.57 17.77
N GLY A 63 13.08 6.79 17.40
CA GLY A 63 13.27 5.45 17.95
C GLY A 63 12.19 4.39 17.60
N LYS A 64 11.29 4.70 16.67
CA LYS A 64 10.25 3.76 16.20
C LYS A 64 10.51 3.51 14.73
N GLN A 65 10.25 2.29 14.26
CA GLN A 65 10.42 2.04 12.82
C GLN A 65 9.12 1.93 12.00
N TYR A 66 9.21 2.33 10.74
CA TYR A 66 8.09 2.52 9.81
C TYR A 66 8.48 2.04 8.39
N LEU A 67 7.50 1.61 7.61
CA LEU A 67 7.76 1.30 6.22
C LEU A 67 7.06 2.36 5.45
N LEU A 68 7.77 3.12 4.67
CA LEU A 68 7.17 4.21 3.94
C LEU A 68 6.87 3.60 2.61
N GLY A 69 5.59 3.42 2.31
CA GLY A 69 5.16 2.95 1.00
C GLY A 69 5.10 4.07 -0.01
N LEU A 70 5.72 3.87 -1.18
CA LEU A 70 5.87 4.90 -2.18
C LEU A 70 5.02 4.61 -3.40
N TYR A 71 4.01 5.43 -3.70
CA TYR A 71 3.12 5.19 -4.83
C TYR A 71 3.37 6.24 -5.87
N ASP A 72 3.72 5.82 -7.09
CA ASP A 72 3.95 6.73 -8.22
C ASP A 72 2.62 6.92 -8.99
N THR A 73 2.45 8.03 -9.71
CA THR A 73 1.28 8.21 -10.62
C THR A 73 1.65 9.00 -11.84
N ALA A 74 1.17 8.59 -13.00
CA ALA A 74 1.39 9.28 -14.26
C ALA A 74 0.65 10.61 -14.28
N GLY A 75 1.26 11.60 -14.92
CA GLY A 75 0.73 12.96 -15.01
C GLY A 75 0.22 13.36 -16.38
N GLN A 76 0.29 12.44 -17.31
CA GLN A 76 -0.24 12.62 -18.65
C GLN A 76 -1.79 12.58 -18.60
N GLU A 77 -2.41 12.40 -19.76
CA GLU A 77 -3.88 12.36 -19.88
C GLU A 77 -4.50 11.00 -20.19
N ASP A 78 -3.70 10.01 -20.63
CA ASP A 78 -4.16 8.59 -20.70
C ASP A 78 -4.44 8.05 -19.27
N TYR A 79 -3.69 8.57 -18.28
CA TYR A 79 -3.66 8.06 -16.88
C TYR A 79 -4.49 8.93 -15.87
N ASP A 80 -5.20 9.93 -16.42
CA ASP A 80 -6.23 10.75 -15.72
C ASP A 80 -7.31 9.91 -15.00
N ARG A 81 -8.08 9.16 -15.81
CA ARG A 81 -9.21 8.37 -15.33
C ARG A 81 -8.93 7.65 -14.01
N LEU A 82 -7.82 6.93 -14.00
CA LEU A 82 -7.55 5.84 -13.08
C LEU A 82 -6.64 6.23 -11.89
N ARG A 83 -6.16 7.48 -11.93
CA ARG A 83 -5.22 7.99 -10.96
C ARG A 83 -5.79 7.99 -9.55
N PRO A 84 -7.00 8.50 -9.34
CA PRO A 84 -7.59 8.54 -8.00
C PRO A 84 -7.82 7.18 -7.37
N LEU A 85 -7.68 6.10 -8.12
CA LEU A 85 -7.57 4.77 -7.52
C LEU A 85 -6.40 4.70 -6.52
N SER A 86 -5.31 5.43 -6.75
CA SER A 86 -4.17 5.45 -5.82
C SER A 86 -4.39 6.23 -4.50
N TYR A 87 -5.42 7.06 -4.42
CA TYR A 87 -5.54 8.01 -3.34
C TYR A 87 -6.08 7.53 -1.98
N PRO A 88 -7.00 6.57 -1.95
CA PRO A 88 -7.57 6.10 -0.70
C PRO A 88 -6.55 5.74 0.35
N MET A 89 -6.79 6.22 1.58
CA MET A 89 -5.94 5.92 2.73
C MET A 89 -4.48 6.34 2.51
N THR A 90 -4.29 7.46 1.83
CA THR A 90 -2.95 8.04 1.71
C THR A 90 -2.68 8.78 3.01
N ASP A 91 -1.42 8.91 3.42
CA ASP A 91 -1.07 9.67 4.65
C ASP A 91 -0.40 10.96 4.33
N VAL A 92 0.22 11.04 3.16
CA VAL A 92 0.78 12.31 2.65
C VAL A 92 0.98 12.30 1.13
N PHE A 93 0.69 13.43 0.47
CA PHE A 93 1.01 13.61 -0.96
C PHE A 93 2.23 14.49 -1.15
N LEU A 94 2.96 14.26 -2.23
CA LEU A 94 3.93 15.21 -2.76
C LEU A 94 3.40 15.69 -4.09
N ILE A 95 3.28 17.01 -4.26
CA ILE A 95 2.95 17.66 -5.53
C ILE A 95 4.25 18.17 -6.17
N CYS A 96 4.72 17.50 -7.20
CA CYS A 96 5.96 17.89 -7.84
C CYS A 96 5.72 18.77 -9.04
N PHE A 97 6.58 19.79 -9.17
CA PHE A 97 6.80 20.55 -10.39
C PHE A 97 8.31 20.69 -10.63
N SER A 98 8.72 20.87 -11.88
CA SER A 98 10.12 21.07 -12.25
C SER A 98 10.46 22.53 -12.24
N VAL A 99 11.52 22.86 -11.53
CA VAL A 99 12.00 24.23 -11.49
C VAL A 99 12.47 24.74 -12.89
N VAL A 100 12.53 23.89 -13.91
CA VAL A 100 12.87 24.36 -15.24
C VAL A 100 11.71 24.15 -16.23
N ASN A 101 10.50 23.99 -15.67
CA ASN A 101 9.25 24.01 -16.43
C ASN A 101 8.18 24.86 -15.71
N PRO A 102 8.22 26.18 -15.89
CA PRO A 102 7.23 27.10 -15.31
C PRO A 102 5.77 26.66 -15.46
N ALA A 103 5.48 26.00 -16.58
CA ALA A 103 4.12 25.55 -16.87
C ALA A 103 3.62 24.57 -15.81
N SER A 104 4.48 23.69 -15.35
CA SER A 104 4.15 22.78 -14.26
C SER A 104 3.96 23.50 -12.90
N PHE A 105 4.65 24.61 -12.74
CA PHE A 105 4.48 25.42 -11.55
C PHE A 105 3.07 26.04 -11.53
N GLN A 106 2.61 26.58 -12.65
CA GLN A 106 1.25 27.14 -12.74
C GLN A 106 0.14 26.07 -12.64
N ASN A 107 0.50 24.81 -12.88
CA ASN A 107 -0.44 23.70 -12.78
C ASN A 107 -0.62 23.18 -11.33
N VAL A 108 0.18 23.71 -10.40
CA VAL A 108 0.01 23.39 -8.99
C VAL A 108 -1.33 23.98 -8.52
N LYS A 109 -1.41 25.31 -8.45
CA LYS A 109 -2.62 26.00 -7.98
C LYS A 109 -3.84 25.65 -8.81
N GLU A 110 -3.62 25.38 -10.10
CA GLU A 110 -4.72 25.29 -11.06
C GLU A 110 -5.11 23.86 -11.49
N GLU A 111 -4.30 22.84 -11.15
CA GLU A 111 -4.63 21.43 -11.47
C GLU A 111 -4.39 20.40 -10.33
N TRP A 112 -3.24 20.42 -9.66
CA TRP A 112 -2.95 19.41 -8.65
C TRP A 112 -3.57 19.71 -7.29
N VAL A 113 -3.60 20.96 -6.89
CA VAL A 113 -4.20 21.30 -5.59
C VAL A 113 -5.70 21.14 -5.54
N PRO A 114 -6.43 21.50 -6.59
CA PRO A 114 -7.87 21.21 -6.65
C PRO A 114 -8.20 19.72 -6.61
N GLU A 115 -7.47 18.92 -7.38
CA GLU A 115 -7.67 17.47 -7.39
C GLU A 115 -7.53 16.84 -6.00
N LEU A 116 -6.56 17.30 -5.23
CA LEU A 116 -6.34 16.77 -3.89
C LEU A 116 -7.42 17.25 -2.94
N LYS A 117 -7.86 18.50 -3.15
CA LYS A 117 -8.92 19.08 -2.32
C LYS A 117 -10.25 18.42 -2.57
N GLU A 118 -10.41 17.73 -3.71
CA GLU A 118 -11.65 17.06 -4.05
C GLU A 118 -11.73 15.62 -3.58
N TYR A 119 -10.56 14.97 -3.46
CA TYR A 119 -10.48 13.52 -3.29
C TYR A 119 -9.84 13.04 -1.96
N ALA A 120 -8.85 13.78 -1.47
CA ALA A 120 -8.23 13.51 -0.17
C ALA A 120 -8.23 14.81 0.62
N PRO A 121 -9.41 15.33 0.93
CA PRO A 121 -9.55 16.66 1.54
C PRO A 121 -8.58 17.01 2.64
N ASN A 122 -8.44 16.18 3.66
CA ASN A 122 -7.71 16.61 4.86
C ASN A 122 -6.37 15.86 5.00
N VAL A 123 -5.78 15.52 3.86
CA VAL A 123 -4.50 14.81 3.87
C VAL A 123 -3.45 15.84 3.61
N PRO A 124 -2.41 15.88 4.43
CA PRO A 124 -1.36 16.88 4.24
C PRO A 124 -0.61 16.62 2.94
N PHE A 125 0.03 17.62 2.40
CA PHE A 125 0.88 17.43 1.22
C PHE A 125 2.01 18.40 1.17
N LEU A 126 3.11 17.99 0.55
CA LEU A 126 4.22 18.89 0.35
C LEU A 126 4.30 19.34 -1.11
N LEU A 127 5.07 20.41 -1.32
CA LEU A 127 5.34 20.99 -2.62
C LEU A 127 6.82 20.79 -2.91
N ILE A 128 7.10 20.02 -3.94
CA ILE A 128 8.47 19.58 -4.23
C ILE A 128 8.90 20.13 -5.58
N GLY A 129 9.97 20.91 -5.58
CA GLY A 129 10.53 21.46 -6.79
C GLY A 129 11.59 20.52 -7.26
N THR A 130 11.53 20.08 -8.51
CA THR A 130 12.39 18.99 -9.00
C THR A 130 13.42 19.48 -9.99
N GLN A 131 14.37 18.61 -10.30
CA GLN A 131 15.37 18.83 -11.36
C GLN A 131 16.20 20.07 -11.16
N ILE A 132 16.53 20.39 -9.91
CA ILE A 132 17.27 21.62 -9.60
C ILE A 132 18.72 21.69 -10.08
N ASP A 133 19.25 20.57 -10.55
CA ASP A 133 20.55 20.56 -11.27
C ASP A 133 20.49 21.23 -12.63
N LEU A 134 19.29 21.42 -13.18
CA LEU A 134 19.14 22.12 -14.47
C LEU A 134 19.01 23.64 -14.28
N ARG A 135 18.75 24.09 -13.06
CA ARG A 135 18.55 25.51 -12.82
C ARG A 135 19.66 26.41 -13.34
N ASP A 136 20.87 25.89 -13.45
CA ASP A 136 21.93 26.62 -14.13
C ASP A 136 22.71 25.67 -15.06
N ASP A 137 22.01 25.04 -15.99
CA ASP A 137 22.62 24.27 -17.07
C ASP A 137 22.65 25.20 -18.26
N PRO A 138 23.82 25.49 -18.82
CA PRO A 138 23.89 26.34 -20.00
C PRO A 138 22.84 25.96 -21.05
N LYS A 139 22.75 24.68 -21.40
CA LYS A 139 21.86 24.25 -22.51
C LYS A 139 20.36 24.51 -22.25
N THR A 140 19.95 24.25 -21.03
CA THR A 140 18.58 24.46 -20.53
C THR A 140 18.15 25.92 -20.41
N LEU A 141 19.01 26.74 -19.79
CA LEU A 141 18.69 28.13 -19.50
C LEU A 141 18.38 28.89 -20.78
N ALA A 142 19.08 28.49 -21.85
CA ALA A 142 19.00 29.13 -23.17
C ALA A 142 17.77 28.68 -23.94
N ARG A 143 17.41 27.41 -23.82
CA ARG A 143 16.16 26.89 -24.38
C ARG A 143 14.99 27.62 -23.72
N LEU A 144 15.14 27.93 -22.42
CA LEU A 144 14.15 28.69 -21.66
C LEU A 144 14.14 30.17 -22.04
N ASN A 145 15.32 30.77 -22.18
CA ASN A 145 15.45 32.19 -22.51
C ASN A 145 15.24 32.46 -24.02
N ASP A 146 14.78 31.42 -24.75
CA ASP A 146 14.14 31.53 -26.07
C ASP A 146 12.69 32.01 -25.93
N MET A 147 11.99 31.50 -24.91
CA MET A 147 10.62 31.93 -24.59
C MET A 147 10.56 33.05 -23.51
N LYS A 148 11.70 33.71 -23.24
CA LYS A 148 11.79 34.71 -22.17
C LYS A 148 11.18 34.18 -20.87
N GLU A 149 11.17 32.85 -20.76
CA GLU A 149 10.92 32.15 -19.52
C GLU A 149 12.27 32.01 -18.84
N LYS A 150 12.22 31.90 -17.53
CA LYS A 150 13.42 31.61 -16.75
C LYS A 150 13.01 30.57 -15.69
N PRO A 151 13.99 29.94 -15.04
CA PRO A 151 13.66 28.92 -14.05
C PRO A 151 12.96 29.50 -12.83
N ILE A 152 12.09 28.68 -12.22
CA ILE A 152 11.45 29.02 -10.96
C ILE A 152 12.57 29.07 -9.92
N CYS A 153 12.52 30.06 -9.05
CA CYS A 153 13.51 30.17 -8.01
C CYS A 153 12.98 29.68 -6.64
N VAL A 154 13.89 29.54 -5.68
CA VAL A 154 13.51 29.07 -4.35
C VAL A 154 12.42 29.91 -3.68
N GLU A 155 12.50 31.22 -3.79
CA GLU A 155 11.54 32.10 -3.11
C GLU A 155 10.07 31.90 -3.63
N GLN A 156 9.94 31.53 -4.90
CA GLN A 156 8.64 31.33 -5.56
C GLN A 156 7.98 30.05 -5.08
N GLY A 157 8.82 29.03 -4.81
CA GLY A 157 8.37 27.76 -4.26
C GLY A 157 7.87 27.85 -2.82
N GLN A 158 8.55 28.67 -2.03
CA GLN A 158 8.25 28.81 -0.60
C GLN A 158 6.97 29.59 -0.43
N LYS A 159 6.88 30.70 -1.17
CA LYS A 159 5.69 31.52 -1.23
C LYS A 159 4.48 30.67 -1.63
N LEU A 160 4.62 29.90 -2.71
CA LEU A 160 3.53 29.07 -3.26
C LEU A 160 3.07 28.02 -2.26
N ALA A 161 4.01 27.48 -1.48
CA ALA A 161 3.72 26.44 -0.50
C ALA A 161 2.88 26.97 0.66
N LYS A 162 3.07 28.24 0.99
CA LYS A 162 2.31 28.87 2.05
C LYS A 162 0.90 29.18 1.62
N GLU A 163 0.75 29.73 0.42
CA GLU A 163 -0.57 30.14 -0.08
C GLU A 163 -1.47 28.94 -0.08
N ILE A 164 -0.96 27.84 -0.64
CA ILE A 164 -1.77 26.65 -0.87
C ILE A 164 -1.96 25.78 0.39
N GLY A 165 -1.20 26.07 1.45
CA GLY A 165 -1.33 25.35 2.70
C GLY A 165 -0.61 24.01 2.71
N ALA A 166 0.39 23.85 1.84
CA ALA A 166 1.34 22.78 2.00
C ALA A 166 2.06 22.91 3.34
N CYS A 167 2.64 21.82 3.77
CA CYS A 167 3.34 21.76 5.04
C CYS A 167 4.68 22.41 4.92
N CYS A 168 5.29 22.27 3.75
CA CYS A 168 6.46 23.04 3.38
C CYS A 168 6.83 22.87 1.89
N TYR A 169 7.86 23.61 1.50
CA TYR A 169 8.52 23.49 0.20
C TYR A 169 9.87 22.84 0.37
N VAL A 170 10.14 21.77 -0.42
CA VAL A 170 11.47 21.15 -0.49
C VAL A 170 11.91 21.01 -1.93
N GLU A 171 13.19 21.18 -2.21
CA GLU A 171 13.71 21.01 -3.57
C GLU A 171 14.61 19.83 -3.64
N CYS A 172 14.68 19.20 -4.82
CA CYS A 172 15.67 18.18 -5.05
C CYS A 172 16.11 18.02 -6.51
N SER A 173 17.17 17.22 -6.71
CA SER A 173 17.51 16.63 -7.99
C SER A 173 17.62 15.12 -7.82
N ALA A 174 16.85 14.39 -8.61
CA ALA A 174 17.04 12.96 -8.74
C ALA A 174 18.41 12.57 -9.30
N LEU A 175 18.99 13.43 -10.16
CA LEU A 175 20.27 13.14 -10.80
C LEU A 175 21.44 13.07 -9.85
N THR A 176 21.58 14.07 -8.98
CA THR A 176 22.64 14.10 -7.97
C THR A 176 22.18 13.67 -6.58
N GLN A 177 20.86 13.51 -6.38
CA GLN A 177 20.27 13.17 -5.09
C GLN A 177 20.28 14.30 -4.07
N LYS A 178 20.82 15.47 -4.38
CA LYS A 178 20.67 16.61 -3.48
C LYS A 178 19.17 16.84 -3.06
N GLY A 179 18.94 17.01 -1.76
CA GLY A 179 17.59 17.29 -1.25
C GLY A 179 16.68 16.08 -1.07
N LEU A 180 17.02 14.93 -1.66
CA LEU A 180 16.11 13.78 -1.70
C LEU A 180 15.80 13.36 -0.28
N LYS A 181 16.84 13.18 0.52
CA LYS A 181 16.63 12.76 1.88
C LYS A 181 15.62 13.71 2.60
N THR A 182 15.82 15.00 2.45
CA THR A 182 14.95 15.98 3.06
C THR A 182 13.47 15.88 2.60
N VAL A 183 13.25 15.65 1.32
CA VAL A 183 11.92 15.43 0.80
C VAL A 183 11.17 14.35 1.59
N PHE A 184 11.77 13.18 1.76
CA PHE A 184 11.08 12.10 2.41
C PHE A 184 11.14 12.18 3.95
N ASP A 185 12.20 12.71 4.53
CA ASP A 185 12.14 13.03 5.93
C ASP A 185 10.97 13.91 6.26
N GLU A 186 10.71 14.90 5.40
CA GLU A 186 9.70 15.91 5.74
C GLU A 186 8.32 15.31 5.44
N ALA A 187 8.23 14.38 4.49
CA ALA A 187 6.97 13.71 4.25
C ALA A 187 6.54 12.91 5.50
N ILE A 188 7.50 12.22 6.11
CA ILE A 188 7.29 11.47 7.33
C ILE A 188 6.89 12.41 8.51
N ILE A 189 7.61 13.49 8.72
CA ILE A 189 7.33 14.40 9.81
C ILE A 189 5.89 14.90 9.63
N ALA A 190 5.57 15.38 8.44
CA ALA A 190 4.20 15.76 8.10
C ALA A 190 3.11 14.71 8.45
N ILE A 191 3.44 13.43 8.34
CA ILE A 191 2.51 12.36 8.72
C ILE A 191 2.46 12.18 10.23
N LEU A 192 3.64 11.91 10.80
CA LEU A 192 3.83 11.63 12.24
C LEU A 192 3.67 12.89 13.10
N THR A 193 3.36 14.02 12.46
CA THR A 193 2.91 15.22 13.14
C THR A 193 1.42 14.99 13.46
N PRO A 194 1.17 14.39 14.65
CA PRO A 194 -0.09 14.57 15.38
C PRO A 194 -0.15 16.05 15.71
N SER B 9 25.47 9.71 4.59
CA SER B 9 25.75 8.24 4.79
C SER B 9 24.75 7.36 4.10
N MET B 10 23.50 7.84 3.91
CA MET B 10 22.38 7.11 3.33
C MET B 10 21.07 7.56 4.06
N ALA B 11 19.96 7.62 3.32
CA ALA B 11 18.70 8.25 3.74
C ALA B 11 17.58 7.33 4.20
N HIS B 12 17.78 6.03 4.10
CA HIS B 12 16.79 5.03 4.52
C HIS B 12 17.44 3.66 4.71
N GLY B 13 16.69 2.71 5.22
CA GLY B 13 17.15 1.34 5.41
C GLY B 13 16.87 0.40 4.23
N PRO B 14 16.85 -0.91 4.51
CA PRO B 14 16.47 -1.91 3.50
C PRO B 14 15.09 -1.64 2.94
N GLY B 15 15.02 -1.41 1.65
CA GLY B 15 13.76 -1.25 0.95
C GLY B 15 13.58 -2.36 -0.08
N ALA B 16 12.33 -2.59 -0.45
CA ALA B 16 12.02 -3.56 -1.48
C ALA B 16 10.67 -3.30 -2.12
N LEU B 17 10.47 -3.92 -3.28
CA LEU B 17 9.17 -4.03 -3.91
C LEU B 17 8.07 -4.43 -2.95
N MET B 18 6.94 -3.74 -3.06
CA MET B 18 5.88 -3.87 -2.08
C MET B 18 4.70 -4.58 -2.68
N LEU B 19 4.18 -5.58 -1.95
CA LEU B 19 3.01 -6.30 -2.40
C LEU B 19 1.85 -6.08 -1.49
N LYS B 20 0.66 -5.93 -2.04
CA LYS B 20 -0.52 -5.60 -1.28
C LYS B 20 -1.40 -6.83 -1.15
N CYS B 21 -1.70 -7.19 0.11
CA CYS B 21 -2.54 -8.30 0.42
C CYS B 21 -3.71 -7.91 1.30
N VAL B 22 -4.93 -8.05 0.82
CA VAL B 22 -6.12 -7.70 1.61
C VAL B 22 -6.94 -8.92 2.11
N VAL B 23 -7.47 -8.82 3.31
CA VAL B 23 -8.21 -9.89 3.98
C VAL B 23 -9.68 -9.52 4.07
N VAL B 24 -10.59 -10.37 3.58
CA VAL B 24 -12.05 -10.14 3.71
C VAL B 24 -12.82 -11.39 4.17
N GLY B 25 -14.05 -11.19 4.65
CA GLY B 25 -14.85 -12.27 5.20
C GLY B 25 -15.87 -11.86 6.25
N ASP B 26 -16.69 -12.80 6.68
CA ASP B 26 -17.74 -12.55 7.69
C ASP B 26 -17.21 -11.98 9.03
N GLY B 27 -18.04 -11.18 9.69
CA GLY B 27 -17.80 -10.78 11.07
C GLY B 27 -17.38 -12.01 11.86
N ALA B 28 -16.35 -11.87 12.68
CA ALA B 28 -15.99 -12.88 13.68
C ALA B 28 -15.33 -14.18 13.17
N VAL B 29 -14.88 -14.22 11.91
CA VAL B 29 -14.10 -15.36 11.41
C VAL B 29 -12.59 -15.27 11.76
N GLY B 30 -12.17 -14.11 12.26
CA GLY B 30 -10.87 -14.02 12.89
C GLY B 30 -9.80 -13.47 12.00
N LYS B 31 -10.16 -12.46 11.21
CA LYS B 31 -9.32 -11.83 10.22
C LYS B 31 -8.30 -11.02 10.96
N THR B 32 -8.80 -10.15 11.84
CA THR B 32 -7.89 -9.28 12.55
C THR B 32 -6.84 -10.07 13.35
N CYS B 33 -7.27 -11.09 14.08
CA CYS B 33 -6.39 -11.92 14.88
C CYS B 33 -5.43 -12.70 14.01
N LEU B 34 -5.85 -13.10 12.85
CA LEU B 34 -4.93 -13.79 11.91
C LEU B 34 -3.73 -12.86 11.47
N LEU B 35 -4.02 -11.61 11.07
CA LEU B 35 -2.97 -10.63 10.78
C LEU B 35 -2.11 -10.28 11.99
N MET B 36 -2.69 -10.17 13.16
CA MET B 36 -1.94 -9.73 14.32
C MET B 36 -0.96 -10.80 14.80
N SER B 37 -1.47 -12.02 14.85
CA SER B 37 -0.71 -13.19 15.23
C SER B 37 0.41 -13.47 14.20
N TYR B 38 0.19 -13.22 12.91
CA TYR B 38 1.25 -13.41 11.93
C TYR B 38 2.33 -12.35 12.20
N ALA B 39 1.91 -11.09 12.29
CA ALA B 39 2.81 -9.95 12.41
C ALA B 39 3.67 -9.91 13.68
N ASN B 40 3.10 -10.34 14.80
CA ASN B 40 3.78 -10.29 16.11
C ASN B 40 4.24 -11.68 16.61
N ASP B 41 4.04 -12.74 15.81
CA ASP B 41 4.28 -14.13 16.21
C ASP B 41 3.68 -14.46 17.57
N ALA B 42 2.47 -13.94 17.85
CA ALA B 42 1.70 -14.23 19.10
C ALA B 42 0.19 -13.83 18.96
N PHE B 43 -0.72 -14.47 19.72
CA PHE B 43 -2.16 -14.18 19.68
C PHE B 43 -2.44 -12.99 20.60
N PRO B 44 -3.14 -11.97 20.10
CA PRO B 44 -3.35 -10.76 20.89
C PRO B 44 -4.04 -11.11 22.19
N GLU B 45 -3.36 -10.88 23.30
CA GLU B 45 -3.94 -11.18 24.59
C GLU B 45 -4.28 -9.90 25.38
N GLU B 46 -4.17 -8.75 24.74
CA GLU B 46 -4.76 -7.52 25.30
C GLU B 46 -5.94 -7.16 24.37
N TYR B 47 -5.89 -5.98 23.75
CA TYR B 47 -7.04 -5.43 23.09
C TYR B 47 -6.94 -5.53 21.55
N VAL B 48 -8.07 -5.88 20.95
CA VAL B 48 -8.18 -6.28 19.59
C VAL B 48 -9.15 -5.35 18.87
N PRO B 49 -8.67 -4.62 17.90
CA PRO B 49 -9.50 -3.61 17.27
C PRO B 49 -10.36 -4.27 16.19
N THR B 50 -11.32 -3.56 15.65
CA THR B 50 -12.04 -4.05 14.48
C THR B 50 -11.08 -4.29 13.29
N VAL B 51 -10.30 -3.24 13.00
CA VAL B 51 -9.42 -3.22 11.85
C VAL B 51 -8.00 -2.90 12.35
N PHE B 52 -7.06 -3.83 12.14
CA PHE B 52 -5.63 -3.67 12.36
C PHE B 52 -5.03 -2.53 11.47
N ASP B 53 -4.03 -1.83 11.98
CA ASP B 53 -3.47 -0.70 11.29
C ASP B 53 -2.74 -1.28 10.08
N HIS B 54 -2.49 -0.50 9.05
CA HIS B 54 -1.70 -1.05 7.97
C HIS B 54 -0.29 -1.35 8.52
N TYR B 55 0.21 -2.49 8.08
CA TYR B 55 1.46 -3.00 8.61
C TYR B 55 2.11 -3.79 7.46
N ALA B 56 3.45 -4.02 7.51
CA ALA B 56 4.18 -4.79 6.49
C ALA B 56 5.33 -5.67 7.02
N VAL B 57 5.53 -6.83 6.44
CA VAL B 57 6.66 -7.63 6.88
C VAL B 57 7.57 -7.94 5.70
N SER B 58 8.90 -7.96 5.92
CA SER B 58 9.84 -8.49 4.91
C SER B 58 9.77 -10.03 4.81
N VAL B 59 9.75 -10.50 3.58
CA VAL B 59 9.84 -11.94 3.30
C VAL B 59 10.96 -12.16 2.26
N THR B 60 11.33 -13.40 2.00
CA THR B 60 12.27 -13.64 0.87
C THR B 60 11.79 -14.86 0.09
N VAL B 61 11.37 -14.66 -1.17
CA VAL B 61 10.78 -15.69 -2.01
C VAL B 61 11.83 -16.59 -2.66
N GLY B 62 12.45 -16.14 -3.74
CA GLY B 62 13.33 -17.00 -4.53
C GLY B 62 14.71 -16.39 -4.55
N GLY B 63 15.19 -16.05 -3.34
CA GLY B 63 16.41 -15.25 -3.22
C GLY B 63 16.15 -13.76 -3.36
N LYS B 64 14.87 -13.40 -3.59
CA LYS B 64 14.47 -12.03 -3.92
C LYS B 64 13.58 -11.53 -2.80
N GLN B 65 13.87 -10.32 -2.33
CA GLN B 65 13.16 -9.75 -1.19
C GLN B 65 11.85 -9.06 -1.58
N TYR B 66 10.90 -9.03 -0.64
CA TYR B 66 9.60 -8.37 -0.85
C TYR B 66 9.18 -7.71 0.43
N LEU B 67 8.19 -6.84 0.37
CA LEU B 67 7.55 -6.36 1.61
C LEU B 67 6.11 -6.57 1.39
N LEU B 68 5.50 -7.27 2.31
CA LEU B 68 4.13 -7.68 2.15
C LEU B 68 3.29 -6.73 2.97
N GLY B 69 2.47 -5.96 2.26
CA GLY B 69 1.49 -5.07 2.86
C GLY B 69 0.23 -5.80 3.28
N LEU B 70 -0.12 -5.69 4.54
CA LEU B 70 -1.21 -6.43 5.13
C LEU B 70 -2.33 -5.45 5.38
N TYR B 71 -3.46 -5.60 4.68
CA TYR B 71 -4.63 -4.72 4.84
C TYR B 71 -5.88 -5.49 5.30
N ASP B 72 -6.37 -5.15 6.48
CA ASP B 72 -7.56 -5.75 7.12
C ASP B 72 -8.81 -4.96 6.74
N THR B 73 -9.92 -5.64 6.58
CA THR B 73 -11.20 -4.95 6.34
C THR B 73 -12.18 -5.49 7.32
N ALA B 74 -13.32 -4.81 7.51
CA ALA B 74 -14.30 -5.25 8.50
C ALA B 74 -15.62 -5.66 7.86
N GLY B 75 -15.92 -6.96 8.00
CA GLY B 75 -17.22 -7.56 7.69
C GLY B 75 -18.34 -7.11 8.62
N GLN B 76 -18.09 -6.07 9.43
CA GLN B 76 -19.15 -5.35 10.17
C GLN B 76 -20.02 -4.53 9.18
N GLU B 77 -20.98 -3.75 9.70
CA GLU B 77 -21.98 -3.06 8.86
C GLU B 77 -21.89 -1.50 8.81
N ASP B 78 -20.83 -0.91 9.41
CA ASP B 78 -20.47 0.53 9.21
C ASP B 78 -19.07 0.71 8.55
N TYR B 79 -18.38 -0.42 8.35
CA TYR B 79 -17.28 -0.55 7.39
C TYR B 79 -17.74 -1.39 6.17
N ASP B 80 -19.03 -1.74 6.10
CA ASP B 80 -19.68 -2.29 4.88
C ASP B 80 -19.45 -1.24 3.79
N ARG B 81 -19.89 -0.01 4.09
CA ARG B 81 -19.83 1.11 3.15
C ARG B 81 -18.44 1.32 2.56
N LEU B 82 -17.43 1.46 3.43
CA LEU B 82 -16.10 1.95 3.00
C LEU B 82 -15.05 0.83 2.75
N ARG B 83 -15.49 -0.42 2.70
CA ARG B 83 -14.57 -1.53 2.49
C ARG B 83 -13.91 -1.49 1.13
N PRO B 84 -14.66 -1.25 0.07
CA PRO B 84 -14.07 -1.17 -1.26
C PRO B 84 -12.98 -0.13 -1.45
N LEU B 85 -12.87 0.88 -0.59
CA LEU B 85 -11.76 1.81 -0.70
C LEU B 85 -10.39 1.13 -0.54
N SER B 86 -10.33 0.04 0.19
CA SER B 86 -9.09 -0.76 0.30
C SER B 86 -8.73 -1.58 -0.95
N TYR B 87 -9.69 -1.79 -1.83
CA TYR B 87 -9.55 -2.79 -2.90
C TYR B 87 -8.62 -2.44 -4.05
N PRO B 88 -8.55 -1.19 -4.46
CA PRO B 88 -7.72 -0.80 -5.60
C PRO B 88 -6.28 -1.22 -5.44
N MET B 89 -5.69 -1.70 -6.53
CA MET B 89 -4.26 -2.05 -6.56
C MET B 89 -3.81 -3.22 -5.68
N THR B 90 -4.75 -4.12 -5.36
CA THR B 90 -4.48 -5.25 -4.52
C THR B 90 -3.79 -6.26 -5.41
N ASP B 91 -2.71 -6.89 -4.94
CA ASP B 91 -2.07 -8.03 -5.59
C ASP B 91 -2.68 -9.42 -5.20
N VAL B 92 -3.18 -9.57 -3.98
CA VAL B 92 -3.87 -10.82 -3.62
C VAL B 92 -4.88 -10.61 -2.47
N PHE B 93 -6.07 -11.16 -2.62
CA PHE B 93 -7.00 -11.28 -1.48
C PHE B 93 -6.87 -12.62 -0.80
N LEU B 94 -7.00 -12.63 0.52
CA LEU B 94 -7.42 -13.83 1.21
C LEU B 94 -8.91 -13.70 1.47
N ILE B 95 -9.70 -14.69 1.08
CA ILE B 95 -11.10 -14.72 1.47
C ILE B 95 -11.19 -15.70 2.61
N CYS B 96 -11.44 -15.18 3.82
CA CYS B 96 -11.49 -16.03 5.00
C CYS B 96 -12.92 -16.44 5.38
N PHE B 97 -13.07 -17.72 5.73
CA PHE B 97 -14.23 -18.26 6.40
C PHE B 97 -13.76 -19.06 7.59
N SER B 98 -14.53 -19.10 8.65
CA SER B 98 -14.21 -19.98 9.77
C SER B 98 -14.64 -21.42 9.45
N VAL B 99 -13.78 -22.39 9.74
CA VAL B 99 -14.15 -23.80 9.58
C VAL B 99 -15.17 -24.31 10.60
N VAL B 100 -15.57 -23.48 11.56
CA VAL B 100 -16.59 -23.87 12.55
C VAL B 100 -17.83 -22.93 12.55
N ASN B 101 -17.89 -22.11 11.51
CA ASN B 101 -19.04 -21.30 11.20
C ASN B 101 -19.46 -21.55 9.75
N PRO B 102 -20.26 -22.60 9.50
CA PRO B 102 -20.61 -23.01 8.14
C PRO B 102 -21.36 -21.94 7.34
N ALA B 103 -21.93 -20.97 8.03
CA ALA B 103 -22.56 -19.85 7.35
C ALA B 103 -21.50 -19.04 6.61
N SER B 104 -20.40 -18.68 7.28
CA SER B 104 -19.26 -18.03 6.60
C SER B 104 -18.77 -18.71 5.29
N PHE B 105 -18.68 -20.05 5.32
CA PHE B 105 -18.38 -20.87 4.17
C PHE B 105 -19.37 -20.72 2.98
N GLN B 106 -20.68 -20.75 3.21
CA GLN B 106 -21.58 -20.65 2.05
C GLN B 106 -21.72 -19.20 1.57
N ASN B 107 -21.45 -18.26 2.46
CA ASN B 107 -21.28 -16.86 2.10
C ASN B 107 -20.04 -16.60 1.20
N VAL B 108 -19.16 -17.58 1.03
CA VAL B 108 -17.98 -17.37 0.20
C VAL B 108 -18.40 -17.28 -1.28
N LYS B 109 -19.36 -18.10 -1.70
CA LYS B 109 -19.83 -18.12 -3.10
C LYS B 109 -20.95 -17.08 -3.34
N GLU B 110 -21.59 -16.68 -2.24
CA GLU B 110 -22.72 -15.73 -2.21
C GLU B 110 -22.35 -14.22 -2.13
N GLU B 111 -21.46 -13.88 -1.19
CA GLU B 111 -21.11 -12.49 -0.94
C GLU B 111 -19.74 -12.18 -1.57
N TRP B 112 -18.72 -12.93 -1.15
CA TRP B 112 -17.32 -12.54 -1.30
C TRP B 112 -16.80 -12.67 -2.72
N VAL B 113 -17.00 -13.81 -3.34
CA VAL B 113 -16.49 -14.02 -4.70
C VAL B 113 -17.12 -13.00 -5.69
N PRO B 114 -18.46 -12.90 -5.76
CA PRO B 114 -19.08 -11.80 -6.50
C PRO B 114 -18.42 -10.46 -6.22
N GLU B 115 -18.16 -10.13 -4.96
CA GLU B 115 -17.63 -8.80 -4.62
C GLU B 115 -16.24 -8.51 -5.16
N LEU B 116 -15.38 -9.51 -5.12
CA LEU B 116 -14.03 -9.36 -5.63
C LEU B 116 -14.11 -9.15 -7.14
N LYS B 117 -14.81 -10.04 -7.84
CA LYS B 117 -14.89 -9.94 -9.30
C LYS B 117 -15.51 -8.60 -9.78
N GLU B 118 -16.09 -7.83 -8.84
CA GLU B 118 -16.67 -6.50 -9.11
C GLU B 118 -15.60 -5.41 -9.19
N TYR B 119 -14.69 -5.35 -8.21
CA TYR B 119 -13.68 -4.28 -8.12
C TYR B 119 -12.26 -4.79 -8.38
N ALA B 120 -12.13 -6.09 -8.56
CA ALA B 120 -10.83 -6.75 -8.63
C ALA B 120 -11.06 -8.11 -9.25
N PRO B 121 -11.44 -8.13 -10.53
CA PRO B 121 -11.72 -9.39 -11.23
C PRO B 121 -10.48 -10.26 -11.48
N ASN B 122 -9.41 -9.62 -11.99
CA ASN B 122 -8.16 -10.30 -12.35
C ASN B 122 -7.18 -10.29 -11.19
N VAL B 123 -7.67 -10.09 -9.97
CA VAL B 123 -6.84 -10.20 -8.80
C VAL B 123 -7.08 -11.58 -8.19
N PRO B 124 -6.01 -12.36 -8.06
CA PRO B 124 -6.09 -13.71 -7.49
C PRO B 124 -6.39 -13.69 -6.00
N PHE B 125 -6.88 -14.81 -5.49
CA PHE B 125 -7.26 -14.88 -4.10
C PHE B 125 -7.00 -16.26 -3.62
N LEU B 126 -6.78 -16.42 -2.31
CA LEU B 126 -6.70 -17.74 -1.73
C LEU B 126 -7.95 -17.88 -0.96
N LEU B 127 -8.37 -19.12 -0.76
CA LEU B 127 -9.41 -19.43 0.15
C LEU B 127 -8.75 -19.86 1.41
N ILE B 128 -9.07 -19.18 2.50
CA ILE B 128 -8.43 -19.42 3.79
C ILE B 128 -9.42 -19.83 4.79
N GLY B 129 -9.27 -21.03 5.33
CA GLY B 129 -10.06 -21.50 6.46
C GLY B 129 -9.41 -21.13 7.78
N THR B 130 -10.17 -20.52 8.71
CA THR B 130 -9.68 -20.03 9.98
C THR B 130 -10.19 -20.84 11.21
N GLN B 131 -9.55 -20.61 12.35
CA GLN B 131 -9.96 -21.15 13.61
C GLN B 131 -9.96 -22.66 13.71
N ILE B 132 -8.93 -23.30 13.19
CA ILE B 132 -8.95 -24.79 13.12
C ILE B 132 -8.74 -25.52 14.43
N ASP B 133 -8.17 -24.80 15.41
CA ASP B 133 -8.09 -25.30 16.78
C ASP B 133 -9.47 -25.57 17.36
N LEU B 134 -10.50 -24.91 16.85
CA LEU B 134 -11.90 -25.14 17.29
C LEU B 134 -12.60 -26.36 16.62
N ARG B 135 -11.88 -27.09 15.78
CA ARG B 135 -12.45 -28.26 15.13
C ARG B 135 -12.84 -29.35 16.12
N ASP B 136 -12.01 -29.57 17.14
CA ASP B 136 -12.30 -30.55 18.20
C ASP B 136 -12.33 -29.85 19.57
N ASP B 137 -13.17 -28.81 19.67
CA ASP B 137 -13.50 -28.14 20.93
C ASP B 137 -14.90 -28.63 21.26
N PRO B 138 -15.08 -29.35 22.38
CA PRO B 138 -16.38 -29.84 22.80
C PRO B 138 -17.53 -28.84 22.71
N LYS B 139 -17.34 -27.64 23.24
CA LYS B 139 -18.44 -26.69 23.29
C LYS B 139 -18.88 -26.39 21.87
N THR B 140 -17.90 -26.10 21.02
CA THR B 140 -18.12 -25.80 19.61
C THR B 140 -18.80 -26.95 18.83
N LEU B 141 -18.37 -28.20 19.05
CA LEU B 141 -18.91 -29.39 18.33
C LEU B 141 -20.35 -29.61 18.68
N ALA B 142 -20.73 -29.27 19.91
CA ALA B 142 -22.07 -29.51 20.44
C ALA B 142 -23.04 -28.47 19.92
N ARG B 143 -22.54 -27.30 19.54
CA ARG B 143 -23.42 -26.25 19.04
C ARG B 143 -23.74 -26.48 17.57
N LEU B 144 -22.76 -26.98 16.81
CA LEU B 144 -22.93 -27.28 15.39
C LEU B 144 -24.00 -28.35 15.17
N ASN B 145 -23.88 -29.47 15.89
CA ASN B 145 -24.80 -30.57 15.68
C ASN B 145 -26.18 -30.19 16.17
N ASP B 146 -26.23 -29.17 17.01
CA ASP B 146 -27.50 -28.59 17.42
C ASP B 146 -28.25 -28.07 16.20
N MET B 147 -27.59 -27.39 15.26
CA MET B 147 -28.30 -26.99 14.02
C MET B 147 -28.02 -27.89 12.80
N LYS B 148 -27.69 -29.16 13.07
CA LYS B 148 -27.46 -30.21 12.05
C LYS B 148 -26.29 -29.92 11.09
N GLU B 149 -25.24 -29.28 11.62
CA GLU B 149 -24.00 -29.06 10.87
C GLU B 149 -22.79 -29.66 11.58
N LYS B 150 -21.70 -29.81 10.84
CA LYS B 150 -20.42 -30.21 11.43
C LYS B 150 -19.38 -29.21 10.96
N PRO B 151 -18.20 -29.19 11.58
CA PRO B 151 -17.14 -28.27 11.14
C PRO B 151 -16.85 -28.53 9.70
N ILE B 152 -16.60 -27.47 8.94
CA ILE B 152 -16.09 -27.64 7.60
C ILE B 152 -14.80 -28.47 7.70
N CYS B 153 -14.57 -29.34 6.73
CA CYS B 153 -13.43 -30.23 6.76
C CYS B 153 -12.53 -29.93 5.58
N VAL B 154 -11.31 -30.42 5.64
CA VAL B 154 -10.30 -30.02 4.67
C VAL B 154 -10.68 -30.23 3.18
N GLU B 155 -11.38 -31.31 2.85
CA GLU B 155 -11.69 -31.63 1.45
C GLU B 155 -12.79 -30.71 0.89
N GLN B 156 -13.76 -30.33 1.72
CA GLN B 156 -14.75 -29.33 1.32
C GLN B 156 -14.08 -28.01 0.99
N GLY B 157 -13.15 -27.61 1.87
CA GLY B 157 -12.32 -26.41 1.69
C GLY B 157 -11.62 -26.39 0.34
N GLN B 158 -10.98 -27.52 0.03
CA GLN B 158 -10.24 -27.72 -1.23
C GLN B 158 -11.13 -27.79 -2.47
N LYS B 159 -12.33 -28.34 -2.31
CA LYS B 159 -13.33 -28.41 -3.37
C LYS B 159 -13.96 -27.04 -3.60
N LEU B 160 -14.04 -26.21 -2.57
CA LEU B 160 -14.52 -24.86 -2.81
C LEU B 160 -13.49 -24.04 -3.58
N ALA B 161 -12.23 -24.07 -3.16
CA ALA B 161 -11.15 -23.32 -3.83
C ALA B 161 -10.86 -23.78 -5.28
N LYS B 162 -11.27 -24.98 -5.65
CA LYS B 162 -11.19 -25.35 -7.06
C LYS B 162 -12.40 -24.80 -7.81
N GLU B 163 -13.59 -24.86 -7.21
CA GLU B 163 -14.84 -24.36 -7.84
C GLU B 163 -14.78 -22.91 -8.30
N ILE B 164 -14.19 -22.07 -7.46
CA ILE B 164 -14.26 -20.61 -7.59
C ILE B 164 -13.01 -20.03 -8.26
N GLY B 165 -12.06 -20.89 -8.62
CA GLY B 165 -10.76 -20.44 -9.06
C GLY B 165 -9.96 -19.71 -7.97
N ALA B 166 -10.03 -20.13 -6.72
CA ALA B 166 -9.07 -19.64 -5.75
C ALA B 166 -7.79 -20.36 -6.09
N CYS B 167 -6.66 -19.79 -5.73
CA CYS B 167 -5.38 -20.35 -6.11
C CYS B 167 -5.09 -21.59 -5.28
N CYS B 168 -5.50 -21.52 -4.04
CA CYS B 168 -5.57 -22.74 -3.26
C CYS B 168 -6.33 -22.49 -1.99
N TYR B 169 -6.53 -23.56 -1.24
CA TYR B 169 -7.12 -23.48 0.10
C TYR B 169 -6.02 -23.73 1.10
N VAL B 170 -5.86 -22.83 2.05
CA VAL B 170 -4.94 -23.04 3.15
C VAL B 170 -5.75 -22.76 4.39
N GLU B 171 -5.45 -23.46 5.49
CA GLU B 171 -6.07 -23.22 6.76
C GLU B 171 -5.05 -23.04 7.85
N CYS B 172 -5.55 -22.52 8.97
CA CYS B 172 -4.72 -22.00 10.05
C CYS B 172 -5.53 -21.72 11.26
N SER B 173 -4.83 -21.62 12.39
CA SER B 173 -5.33 -21.04 13.64
C SER B 173 -4.42 -19.89 14.12
N ALA B 174 -5.06 -18.73 14.32
CA ALA B 174 -4.40 -17.60 14.91
C ALA B 174 -3.92 -17.91 16.35
N LEU B 175 -4.66 -18.77 17.05
CA LEU B 175 -4.42 -19.04 18.47
C LEU B 175 -3.08 -19.70 18.73
N THR B 176 -2.74 -20.66 17.85
CA THR B 176 -1.54 -21.47 17.97
C THR B 176 -0.50 -21.18 16.88
N GLN B 177 -0.82 -20.29 15.94
CA GLN B 177 0.02 -20.03 14.76
C GLN B 177 0.25 -21.18 13.75
N LYS B 178 -0.53 -22.26 13.81
CA LYS B 178 -0.43 -23.36 12.88
C LYS B 178 -1.01 -22.90 11.54
N GLY B 179 -0.25 -23.13 10.47
CA GLY B 179 -0.71 -22.81 9.14
C GLY B 179 -0.37 -21.40 8.75
N LEU B 180 -0.05 -20.55 9.71
CA LEU B 180 0.05 -19.11 9.42
C LEU B 180 1.11 -18.77 8.37
N LYS B 181 2.32 -19.28 8.55
CA LYS B 181 3.37 -19.08 7.56
C LYS B 181 2.95 -19.57 6.16
N THR B 182 2.12 -20.61 6.09
CA THR B 182 1.75 -21.18 4.78
C THR B 182 0.79 -20.24 4.10
N VAL B 183 -0.13 -19.67 4.88
CA VAL B 183 -1.08 -18.71 4.36
C VAL B 183 -0.34 -17.58 3.58
N PHE B 184 0.62 -16.93 4.24
CA PHE B 184 1.27 -15.77 3.63
C PHE B 184 2.29 -16.18 2.59
N ASP B 185 3.11 -17.18 2.85
CA ASP B 185 3.96 -17.72 1.84
C ASP B 185 3.16 -18.03 0.56
N GLU B 186 1.98 -18.63 0.68
CA GLU B 186 1.19 -18.98 -0.49
C GLU B 186 0.42 -17.79 -1.02
N ALA B 187 0.26 -16.76 -0.21
CA ALA B 187 -0.23 -15.53 -0.77
C ALA B 187 0.85 -14.94 -1.69
N ILE B 188 2.12 -15.03 -1.34
CA ILE B 188 3.16 -14.43 -2.17
C ILE B 188 3.31 -15.27 -3.44
N ILE B 189 3.27 -16.58 -3.28
CA ILE B 189 3.57 -17.44 -4.38
C ILE B 189 2.53 -17.20 -5.44
N ALA B 190 1.27 -16.95 -5.05
CA ALA B 190 0.23 -16.71 -6.05
C ALA B 190 0.46 -15.41 -6.79
N ILE B 191 1.04 -14.42 -6.12
CA ILE B 191 1.33 -13.16 -6.80
C ILE B 191 2.35 -13.32 -7.95
N LEU B 192 3.44 -14.02 -7.65
CA LEU B 192 4.61 -14.18 -8.51
C LEU B 192 4.51 -15.23 -9.61
N THR B 193 3.56 -16.16 -9.44
CA THR B 193 3.38 -17.28 -10.33
C THR B 193 3.02 -16.68 -11.65
N PRO B 194 3.84 -16.91 -12.67
CA PRO B 194 3.56 -16.41 -13.99
C PRO B 194 2.43 -17.26 -14.51
MG MG C . 6.03 8.87 -13.70
PG GNP D . 5.21 10.78 -16.18
O1G GNP D . 4.11 11.60 -15.62
O2G GNP D . 5.43 9.47 -15.56
O3G GNP D . 4.84 10.68 -17.67
N3B GNP D . 6.67 11.48 -16.09
PB GNP D . 7.52 11.71 -14.75
O1B GNP D . 6.99 12.86 -13.95
O2B GNP D . 7.54 10.40 -14.05
O3A GNP D . 8.98 12.15 -14.98
PA GNP D . 10.17 11.22 -15.26
O1A GNP D . 10.66 10.88 -13.89
O2A GNP D . 9.73 10.10 -16.12
O5' GNP D . 11.37 11.94 -15.99
C5' GNP D . 11.21 12.53 -17.32
C4' GNP D . 12.52 13.09 -17.86
O4' GNP D . 13.24 13.88 -16.85
C3' GNP D . 13.50 12.01 -18.28
O3' GNP D . 14.24 12.33 -19.47
C2' GNP D . 14.39 11.89 -17.08
O2' GNP D . 15.66 11.40 -17.38
C1' GNP D . 14.54 13.35 -16.68
N9 GNP D . 14.88 13.69 -15.29
C8 GNP D . 14.15 13.31 -14.17
N7 GNP D . 14.63 13.79 -13.05
C5 GNP D . 15.73 14.54 -13.45
C6 GNP D . 16.63 15.28 -12.65
O6 GNP D . 16.57 15.40 -11.45
N1 GNP D . 17.64 15.90 -13.39
C2 GNP D . 17.71 15.78 -14.77
N2 GNP D . 18.75 16.41 -15.33
N3 GNP D . 16.87 15.07 -15.54
C4 GNP D . 15.91 14.48 -14.82
MG MG E . -11.49 -7.52 12.33
PG GNP F . -14.55 -8.17 12.10
O1G GNP F . -15.14 -8.40 10.76
O2G GNP F . -13.43 -7.17 12.23
O3G GNP F . -15.80 -7.66 12.80
N3B GNP F . -14.10 -9.57 12.81
PB GNP F . -12.74 -10.41 12.53
O1B GNP F . -12.91 -11.38 11.41
O2B GNP F . -11.64 -9.39 12.35
O3A GNP F . -12.41 -11.37 13.72
PA GNP F . -11.55 -11.04 14.95
O1A GNP F . -10.14 -11.22 14.51
O2A GNP F . -11.97 -9.74 15.46
O5' GNP F . -11.82 -12.03 16.14
C5' GNP F . -13.15 -12.61 16.34
C4' GNP F . -13.21 -13.58 17.52
O4' GNP F . -12.62 -14.90 17.18
C3' GNP F . -12.47 -13.13 18.77
O3' GNP F . -13.17 -13.63 19.83
C2' GNP F . -11.16 -13.89 18.70
O2' GNP F . -10.52 -14.02 19.95
C1' GNP F . -11.59 -15.23 18.10
N9 GNP F . -10.60 -15.88 17.25
C8 GNP F . -9.95 -15.36 16.15
N7 GNP F . -9.10 -16.22 15.58
C5 GNP F . -9.18 -17.35 16.36
C6 GNP F . -8.52 -18.58 16.27
O6 GNP F . -7.68 -18.96 15.45
N1 GNP F . -8.91 -19.45 17.27
C2 GNP F . -9.81 -19.14 18.23
N2 GNP F . -10.05 -20.12 19.12
N3 GNP F . -10.46 -18.01 18.33
C4 GNP F . -10.11 -17.16 17.38
#